data_4OCA
#
_entry.id   4OCA
#
_cell.length_a   90.952
_cell.length_b   90.952
_cell.length_c   129.123
_cell.angle_alpha   90.00
_cell.angle_beta   90.00
_cell.angle_gamma   90.00
#
_symmetry.space_group_name_H-M   'P 43 21 2'
#
loop_
_entity.id
_entity.type
_entity.pdbx_description
1 polymer 'UDP-4-amino-4-deoxy-L-arabinose--oxoglutarate aminotransferase'
2 non-polymer '(2R,3R,4S,5S)-3,4-dihydroxy-5-[({3-hydroxy-2-methyl-5-[(phosphonooxy)methyl]pyridin-4-yl}methyl)amino]tetrahydro-2H-pyr an-2-yl [(2R,3S,4R,5R)-5-(2,4-dioxo-3,4-dihydropyrimidin-1(2H)-yl)-3,4-dihydroxytetrahydrofuran-2-yl]methyl dihydrogen diphosphate'
3 water water
#
_entity_poly.entity_id   1
_entity_poly.type   'polypeptide(L)'
_entity_poly.pdbx_seq_one_letter_code
;MAEGKMMSDFLPFSRPAMGAEELAAVKTVLDSGWITTGPKNQELEAAFCRLTGNQYAVAVSSATAGMHIALMALGIGEGD
EVITPSMTWVSTLNMIVLLGANPVMVDVDRDTLMVTPEHIEAAITPQTKAIIPVHYAGAPADLDAIYALGERYGIPVIED
AAHATGTSYKGRHIGARGTAIFSFHAIANITCAEGGIVVTDNPQFADKLRSLKFHGLGVDAWDRQSGGRAPQAEVLAPGY
KYNLPDLNAAIALAQLQKLDALNARRAAIAAQYHQAMADLPFQPLSLPSWEHIHAWHLFIIRVDEARCGITRDALMASLK
TKGIGTGLHFRAAHTQKYYRERFPTLTLPDTEWNSERICSLPLFPDMTESDFDRVITALHQIAGQ
;
_entity_poly.pdbx_strand_id   A
#
loop_
_chem_comp.id
_chem_comp.type
_chem_comp.name
_chem_comp.formula
2QR non-polymer '(2R,3R,4S,5S)-3,4-dihydroxy-5-[({3-hydroxy-2-methyl-5-[(phosphonooxy)methyl]pyridin-4-yl}methyl)amino]tetrahydro-2H-pyr an-2-yl [(2R,3S,4R,5R)-5-(2,4-dioxo-3,4-dihydropyrimidin-1(2H)-yl)-3,4-dihydroxytetrahydrofuran-2-yl]methyl dihydrogen diphosphate' 'C22 H33 N4 O20 P3'
#
# COMPACT_ATOMS: atom_id res chain seq x y z
N SER A 8 3.09 -31.43 -5.65
CA SER A 8 3.68 -30.53 -4.66
C SER A 8 2.60 -29.78 -3.88
N ASP A 9 3.00 -29.10 -2.81
CA ASP A 9 2.09 -28.30 -2.02
C ASP A 9 1.68 -27.03 -2.76
N PHE A 10 0.62 -26.39 -2.28
CA PHE A 10 0.13 -25.17 -2.90
C PHE A 10 1.17 -24.06 -2.81
N LEU A 11 1.35 -23.34 -3.91
CA LEU A 11 2.24 -22.19 -3.95
C LEU A 11 1.43 -20.91 -3.89
N PRO A 12 1.28 -20.33 -2.68
CA PRO A 12 0.53 -19.07 -2.59
C PRO A 12 1.25 -17.93 -3.26
N PHE A 13 0.57 -16.82 -3.54
CA PHE A 13 1.20 -15.71 -4.25
C PHE A 13 2.02 -14.87 -3.29
N SER A 14 1.93 -15.17 -2.00
CA SER A 14 2.74 -14.47 -1.00
C SER A 14 2.83 -15.23 0.32
N ARG A 15 3.93 -15.01 1.04
CA ARG A 15 4.14 -15.58 2.36
C ARG A 15 4.97 -14.61 3.19
N PRO A 16 4.64 -14.47 4.49
CA PRO A 16 5.50 -13.63 5.34
C PRO A 16 6.84 -14.30 5.64
N ALA A 17 7.90 -13.50 5.73
CA ALA A 17 9.24 -14.02 5.98
C ALA A 17 9.51 -14.12 7.48
N MET A 18 8.83 -15.06 8.14
CA MET A 18 8.98 -15.27 9.57
C MET A 18 10.14 -16.22 9.86
N GLY A 19 11.04 -15.79 10.75
CA GLY A 19 12.20 -16.59 11.13
C GLY A 19 12.45 -16.57 12.63
N ALA A 20 13.68 -16.87 13.00
CA ALA A 20 14.05 -16.97 14.42
C ALA A 20 14.04 -15.61 15.10
N GLU A 21 14.36 -14.57 14.34
CA GLU A 21 14.42 -13.21 14.89
C GLU A 21 13.04 -12.77 15.36
N GLU A 22 12.01 -13.08 14.57
CA GLU A 22 10.65 -12.70 14.90
C GLU A 22 10.19 -13.38 16.19
N LEU A 23 10.43 -14.69 16.28
CA LEU A 23 10.05 -15.45 17.47
C LEU A 23 10.80 -14.94 18.70
N ALA A 24 12.08 -14.65 18.52
CA ALA A 24 12.91 -14.14 19.61
C ALA A 24 12.38 -12.80 20.12
N ALA A 25 12.05 -11.92 19.18
CA ALA A 25 11.52 -10.59 19.52
C ALA A 25 10.26 -10.70 20.38
N VAL A 26 9.36 -11.59 19.97
CA VAL A 26 8.14 -11.84 20.74
C VAL A 26 8.46 -12.31 22.15
N LYS A 27 9.43 -13.21 22.25
CA LYS A 27 9.77 -13.82 23.54
C LYS A 27 10.23 -12.77 24.55
N THR A 28 11.09 -11.85 24.12
CA THR A 28 11.60 -10.80 24.99
C THR A 28 10.46 -9.93 25.50
N VAL A 29 9.47 -9.69 24.64
CA VAL A 29 8.32 -8.87 25.01
C VAL A 29 7.45 -9.60 26.01
N LEU A 30 7.13 -10.86 25.72
CA LEU A 30 6.31 -11.68 26.62
C LEU A 30 6.98 -11.83 27.98
N ASP A 31 8.27 -12.13 27.97
CA ASP A 31 9.03 -12.32 29.21
C ASP A 31 9.10 -11.02 30.00
N SER A 32 9.07 -9.88 29.31
CA SER A 32 9.17 -8.59 29.96
C SER A 32 7.93 -8.27 30.78
N GLY A 33 6.77 -8.74 30.31
CA GLY A 33 5.50 -8.47 30.97
C GLY A 33 4.77 -7.31 30.35
N TRP A 34 5.50 -6.41 29.68
CA TRP A 34 4.87 -5.29 28.97
C TRP A 34 4.64 -5.68 27.52
N ILE A 35 3.41 -6.10 27.23
CA ILE A 35 3.08 -6.72 25.94
C ILE A 35 2.36 -5.76 25.00
N THR A 36 1.74 -4.72 25.56
CA THR A 36 1.06 -3.71 24.76
C THR A 36 1.97 -2.52 24.48
N THR A 37 1.38 -1.48 23.88
CA THR A 37 2.10 -0.27 23.50
C THR A 37 3.05 0.21 24.59
N GLY A 38 4.31 0.38 24.23
CA GLY A 38 5.33 0.77 25.18
C GLY A 38 6.66 1.08 24.51
N PRO A 39 7.77 0.59 25.07
CA PRO A 39 9.10 0.87 24.51
C PRO A 39 9.29 0.45 23.05
N LYS A 40 8.81 -0.74 22.68
CA LYS A 40 9.02 -1.24 21.33
C LYS A 40 8.28 -0.40 20.29
N ASN A 41 7.22 0.28 20.73
CA ASN A 41 6.52 1.22 19.86
C ASN A 41 7.34 2.48 19.64
N GLN A 42 8.01 2.95 20.69
CA GLN A 42 8.87 4.13 20.59
C GLN A 42 10.05 3.84 19.67
N GLU A 43 10.63 2.65 19.83
CA GLU A 43 11.77 2.24 19.02
C GLU A 43 11.39 2.13 17.55
N LEU A 44 10.20 1.61 17.29
CA LEU A 44 9.74 1.45 15.92
C LEU A 44 9.49 2.78 15.24
N GLU A 45 8.90 3.72 15.98
CA GLU A 45 8.67 5.06 15.47
C GLU A 45 9.98 5.76 15.18
N ALA A 46 10.90 5.72 16.15
CA ALA A 46 12.21 6.32 15.99
C ALA A 46 12.95 5.70 14.80
N ALA A 47 12.75 4.40 14.60
CA ALA A 47 13.42 3.68 13.53
C ALA A 47 12.90 4.11 12.16
N PHE A 48 11.59 4.31 12.05
CA PHE A 48 10.99 4.69 10.77
C PHE A 48 11.39 6.11 10.40
N CYS A 49 11.57 6.97 11.41
CA CYS A 49 12.09 8.31 11.17
C CYS A 49 13.50 8.23 10.59
N ARG A 50 14.27 7.25 11.06
CA ARG A 50 15.63 7.06 10.59
C ARG A 50 15.65 6.45 9.18
N LEU A 51 14.68 5.61 8.89
CA LEU A 51 14.57 4.99 7.58
C LEU A 51 14.21 6.03 6.51
N THR A 52 13.21 6.84 6.80
CA THR A 52 12.64 7.75 5.81
C THR A 52 13.39 9.08 5.72
N GLY A 53 13.79 9.61 6.88
CA GLY A 53 14.41 10.92 6.95
C GLY A 53 13.45 11.96 7.51
N ASN A 54 12.25 11.52 7.88
CA ASN A 54 11.25 12.42 8.45
C ASN A 54 11.48 12.60 9.95
N GLN A 55 10.69 13.47 10.57
CA GLN A 55 10.94 13.87 11.95
C GLN A 55 10.02 13.18 12.99
N TYR A 56 8.80 12.85 12.59
CA TYR A 56 7.83 12.24 13.51
C TYR A 56 7.16 11.02 12.90
N ALA A 57 6.87 10.04 13.74
CA ALA A 57 6.21 8.82 13.29
C ALA A 57 5.27 8.32 14.37
N VAL A 58 4.11 7.84 13.94
CA VAL A 58 3.08 7.35 14.86
C VAL A 58 2.63 5.94 14.47
N ALA A 59 2.95 4.96 15.32
CA ALA A 59 2.60 3.57 15.06
C ALA A 59 1.12 3.32 15.36
N VAL A 60 0.48 2.49 14.54
CA VAL A 60 -0.95 2.22 14.65
C VAL A 60 -1.30 0.77 14.36
N SER A 61 -2.56 0.40 14.61
CA SER A 61 -3.01 -0.98 14.50
C SER A 61 -3.10 -1.45 13.04
N SER A 62 -3.16 -0.51 12.12
CA SER A 62 -3.21 -0.81 10.68
C SER A 62 -3.05 0.46 9.87
N ALA A 63 -2.69 0.32 8.59
CA ALA A 63 -2.56 1.48 7.72
C ALA A 63 -3.93 2.07 7.44
N THR A 64 -4.96 1.24 7.46
CA THR A 64 -6.34 1.71 7.35
C THR A 64 -6.64 2.64 8.52
N ALA A 65 -6.23 2.23 9.71
CA ALA A 65 -6.40 3.04 10.90
C ALA A 65 -5.63 4.34 10.76
N GLY A 66 -4.44 4.26 10.19
CA GLY A 66 -3.61 5.42 9.97
C GLY A 66 -4.29 6.42 9.05
N MET A 67 -4.93 5.91 8.00
CA MET A 67 -5.64 6.76 7.06
C MET A 67 -6.81 7.45 7.73
N HIS A 68 -7.48 6.71 8.61
CA HIS A 68 -8.64 7.22 9.34
C HIS A 68 -8.28 8.44 10.18
N ILE A 69 -7.32 8.30 11.07
CA ILE A 69 -6.93 9.38 11.97
C ILE A 69 -6.22 10.51 11.23
N ALA A 70 -5.55 10.18 10.14
CA ALA A 70 -4.88 11.19 9.33
C ALA A 70 -5.91 12.14 8.72
N LEU A 71 -6.92 11.57 8.08
CA LEU A 71 -8.01 12.36 7.50
C LEU A 71 -8.84 13.03 8.60
N MET A 72 -8.99 12.33 9.72
CA MET A 72 -9.74 12.88 10.85
C MET A 72 -9.00 14.07 11.44
N ALA A 73 -7.68 13.97 11.50
CA ALA A 73 -6.85 15.04 12.05
C ALA A 73 -6.97 16.31 11.22
N LEU A 74 -7.21 16.15 9.92
CA LEU A 74 -7.33 17.28 9.01
C LEU A 74 -8.69 17.99 9.18
N GLY A 75 -9.59 17.39 9.95
CA GLY A 75 -10.91 17.96 10.18
C GLY A 75 -11.86 17.68 9.03
N ILE A 76 -11.52 16.70 8.20
CA ILE A 76 -12.34 16.32 7.06
C ILE A 76 -13.67 15.74 7.53
N GLY A 77 -14.76 16.20 6.91
CA GLY A 77 -16.10 15.75 7.28
C GLY A 77 -17.14 16.14 6.25
N GLU A 78 -18.32 16.54 6.73
CA GLU A 78 -19.44 16.90 5.86
C GLU A 78 -19.05 17.96 4.82
N GLY A 79 -19.40 17.70 3.56
CA GLY A 79 -19.21 18.67 2.50
C GLY A 79 -17.82 18.67 1.90
N ASP A 80 -16.86 18.08 2.60
CA ASP A 80 -15.48 18.07 2.14
C ASP A 80 -15.27 16.99 1.10
N GLU A 81 -14.42 17.29 0.11
CA GLU A 81 -14.06 16.32 -0.92
C GLU A 81 -12.63 15.82 -0.72
N VAL A 82 -12.38 14.59 -1.16
CA VAL A 82 -11.06 13.98 -1.07
C VAL A 82 -10.74 13.27 -2.38
N ILE A 83 -9.73 13.76 -3.09
CA ILE A 83 -9.34 13.17 -4.36
C ILE A 83 -8.50 11.92 -4.13
N THR A 84 -8.88 10.84 -4.80
CA THR A 84 -8.22 9.56 -4.65
C THR A 84 -8.40 8.73 -5.91
N PRO A 85 -7.46 7.83 -6.20
CA PRO A 85 -7.72 6.91 -7.31
C PRO A 85 -8.82 5.90 -6.94
N SER A 86 -9.49 5.36 -7.94
CA SER A 86 -10.42 4.26 -7.72
C SER A 86 -9.63 2.95 -7.67
N MET A 87 -8.53 2.91 -8.43
CA MET A 87 -7.64 1.77 -8.42
C MET A 87 -6.81 1.77 -7.14
N THR A 88 -7.38 1.20 -6.08
CA THR A 88 -6.69 1.10 -4.80
C THR A 88 -7.47 0.17 -3.88
N TRP A 89 -7.01 0.06 -2.64
CA TRP A 89 -7.70 -0.75 -1.64
C TRP A 89 -8.91 0.01 -1.11
N VAL A 90 -9.99 -0.71 -0.84
CA VAL A 90 -11.26 -0.09 -0.46
C VAL A 90 -11.17 0.72 0.84
N SER A 91 -10.10 0.50 1.60
CA SER A 91 -9.93 1.15 2.90
C SER A 91 -9.99 2.66 2.79
N THR A 92 -9.26 3.22 1.84
CA THR A 92 -9.18 4.67 1.68
C THR A 92 -10.56 5.26 1.38
N LEU A 93 -11.28 4.64 0.45
CA LEU A 93 -12.62 5.11 0.09
C LEU A 93 -13.57 5.00 1.27
N ASN A 94 -13.46 3.92 2.05
CA ASN A 94 -14.33 3.72 3.20
C ASN A 94 -14.13 4.76 4.28
N MET A 95 -12.88 5.10 4.57
CA MET A 95 -12.58 6.06 5.62
C MET A 95 -13.06 7.45 5.24
N ILE A 96 -12.94 7.81 3.97
CA ILE A 96 -13.45 9.07 3.47
C ILE A 96 -14.96 9.15 3.70
N VAL A 97 -15.67 8.14 3.22
CA VAL A 97 -17.13 8.08 3.34
C VAL A 97 -17.57 8.07 4.80
N LEU A 98 -16.98 7.18 5.59
CA LEU A 98 -17.38 7.01 6.98
C LEU A 98 -17.14 8.27 7.81
N LEU A 99 -16.25 9.13 7.34
CA LEU A 99 -16.04 10.43 7.97
C LEU A 99 -17.12 11.43 7.56
N GLY A 100 -17.97 11.01 6.62
CA GLY A 100 -19.03 11.87 6.12
C GLY A 100 -18.58 12.72 4.95
N ALA A 101 -17.36 12.50 4.48
CA ALA A 101 -16.81 13.25 3.36
C ALA A 101 -17.16 12.58 2.03
N ASN A 102 -16.88 13.27 0.94
CA ASN A 102 -17.20 12.79 -0.39
C ASN A 102 -15.96 12.30 -1.14
N PRO A 103 -15.93 11.00 -1.49
CA PRO A 103 -14.82 10.53 -2.33
C PRO A 103 -14.93 11.05 -3.76
N VAL A 104 -13.88 11.71 -4.25
CA VAL A 104 -13.79 12.10 -5.65
C VAL A 104 -12.79 11.20 -6.35
N MET A 105 -13.29 10.14 -6.97
CA MET A 105 -12.44 9.16 -7.62
C MET A 105 -12.00 9.61 -9.01
N VAL A 106 -10.70 9.49 -9.28
CA VAL A 106 -10.12 9.91 -10.55
C VAL A 106 -9.33 8.77 -11.18
N ASP A 107 -9.02 8.89 -12.45
CA ASP A 107 -8.41 7.80 -13.20
C ASP A 107 -6.89 7.76 -13.00
N VAL A 108 -6.29 6.66 -13.42
CA VAL A 108 -4.84 6.45 -13.26
C VAL A 108 -4.18 6.16 -14.60
N ASP A 109 -2.85 6.20 -14.60
CA ASP A 109 -2.08 5.87 -15.78
C ASP A 109 -2.37 4.44 -16.21
N ARG A 110 -2.53 4.25 -17.52
CA ARG A 110 -3.00 2.98 -18.07
C ARG A 110 -2.03 1.81 -17.83
N ASP A 111 -0.76 2.13 -17.59
CA ASP A 111 0.28 1.10 -17.51
C ASP A 111 1.01 1.06 -16.17
N THR A 112 0.98 2.16 -15.43
CA THR A 112 1.62 2.21 -14.11
C THR A 112 0.57 2.17 -12.99
N LEU A 113 -0.70 2.34 -13.36
CA LEU A 113 -1.81 2.33 -12.41
C LEU A 113 -1.65 3.39 -11.32
N MET A 114 -0.92 4.44 -11.64
CA MET A 114 -0.70 5.53 -10.69
C MET A 114 -1.51 6.75 -11.07
N VAL A 115 -2.06 7.43 -10.07
CA VAL A 115 -2.86 8.61 -10.30
C VAL A 115 -1.99 9.70 -10.90
N THR A 116 -2.52 10.38 -11.91
CA THR A 116 -1.77 11.40 -12.63
C THR A 116 -2.04 12.79 -12.08
N PRO A 117 -1.06 13.70 -12.19
CA PRO A 117 -1.32 15.08 -11.78
C PRO A 117 -2.46 15.69 -12.59
N GLU A 118 -2.58 15.28 -13.85
CA GLU A 118 -3.62 15.76 -14.74
C GLU A 118 -5.01 15.49 -14.16
N HIS A 119 -5.29 14.22 -13.91
CA HIS A 119 -6.60 13.80 -13.41
C HIS A 119 -6.91 14.40 -12.05
N ILE A 120 -5.88 14.54 -11.22
CA ILE A 120 -6.04 15.14 -9.90
C ILE A 120 -6.48 16.59 -10.04
N GLU A 121 -5.70 17.38 -10.80
CA GLU A 121 -5.94 18.81 -10.92
C GLU A 121 -7.32 19.12 -11.49
N ALA A 122 -7.75 18.34 -12.48
CA ALA A 122 -9.04 18.56 -13.13
C ALA A 122 -10.20 18.41 -12.15
N ALA A 123 -10.00 17.61 -11.11
CA ALA A 123 -11.06 17.30 -10.15
C ALA A 123 -11.02 18.23 -8.93
N ILE A 124 -10.04 19.13 -8.88
CA ILE A 124 -9.90 20.03 -7.74
C ILE A 124 -11.03 21.06 -7.71
N THR A 125 -11.53 21.29 -6.49
CA THR A 125 -12.61 22.25 -6.23
C THR A 125 -12.32 22.90 -4.88
N PRO A 126 -13.02 23.99 -4.56
CA PRO A 126 -12.82 24.61 -3.24
C PRO A 126 -13.21 23.69 -2.07
N GLN A 127 -13.83 22.55 -2.36
CA GLN A 127 -14.22 21.60 -1.33
C GLN A 127 -13.16 20.52 -1.10
N THR A 128 -12.10 20.53 -1.92
CA THR A 128 -11.04 19.56 -1.80
C THR A 128 -10.19 19.82 -0.56
N LYS A 129 -10.13 18.83 0.32
CA LYS A 129 -9.39 18.97 1.58
C LYS A 129 -8.21 18.00 1.65
N ALA A 130 -8.10 17.10 0.69
CA ALA A 130 -6.99 16.15 0.66
C ALA A 130 -6.82 15.50 -0.71
N ILE A 131 -5.56 15.21 -1.03
CA ILE A 131 -5.21 14.44 -2.21
C ILE A 131 -4.43 13.21 -1.75
N ILE A 132 -4.86 12.03 -2.19
CA ILE A 132 -4.29 10.78 -1.69
C ILE A 132 -3.75 9.91 -2.82
N PRO A 133 -2.47 10.09 -3.17
CA PRO A 133 -1.83 9.26 -4.19
C PRO A 133 -1.38 7.92 -3.63
N VAL A 134 -1.28 6.91 -4.50
CA VAL A 134 -0.86 5.58 -4.09
C VAL A 134 0.42 5.17 -4.81
N HIS A 135 1.46 4.91 -4.03
CA HIS A 135 2.71 4.38 -4.57
C HIS A 135 2.48 2.92 -4.95
N TYR A 136 1.97 2.70 -6.15
CA TYR A 136 1.41 1.41 -6.53
C TYR A 136 2.45 0.31 -6.72
N ALA A 137 2.16 -0.84 -6.11
CA ALA A 137 2.98 -2.05 -6.26
C ALA A 137 4.40 -1.93 -5.74
N GLY A 138 4.74 -0.77 -5.17
CA GLY A 138 6.08 -0.50 -4.69
C GLY A 138 6.77 0.63 -5.42
N ALA A 139 6.23 1.01 -6.56
CA ALA A 139 6.78 2.10 -7.35
C ALA A 139 6.20 3.43 -6.87
N PRO A 140 6.99 4.51 -6.94
CA PRO A 140 6.52 5.82 -6.47
C PRO A 140 5.74 6.60 -7.52
N ALA A 141 4.86 7.48 -7.05
CA ALA A 141 4.08 8.34 -7.93
C ALA A 141 4.85 9.63 -8.18
N ASP A 142 4.32 10.48 -9.04
CA ASP A 142 5.01 11.72 -9.41
C ASP A 142 4.82 12.77 -8.32
N LEU A 143 5.60 12.64 -7.25
CA LEU A 143 5.43 13.48 -6.07
C LEU A 143 5.75 14.96 -6.32
N ASP A 144 6.70 15.24 -7.20
CA ASP A 144 7.06 16.62 -7.51
C ASP A 144 5.86 17.38 -8.06
N ALA A 145 5.17 16.76 -9.01
CA ALA A 145 4.00 17.37 -9.62
C ALA A 145 2.84 17.46 -8.61
N ILE A 146 2.60 16.37 -7.89
CA ILE A 146 1.46 16.30 -6.98
C ILE A 146 1.64 17.25 -5.78
N TYR A 147 2.87 17.36 -5.27
CA TYR A 147 3.17 18.31 -4.20
C TYR A 147 2.92 19.73 -4.67
N ALA A 148 3.29 20.01 -5.92
CA ALA A 148 3.15 21.33 -6.49
C ALA A 148 1.67 21.72 -6.54
N LEU A 149 0.83 20.72 -6.84
CA LEU A 149 -0.61 20.93 -6.84
C LEU A 149 -1.09 21.25 -5.42
N GLY A 150 -0.52 20.56 -4.44
CA GLY A 150 -0.89 20.76 -3.05
C GLY A 150 -0.57 22.16 -2.55
N GLU A 151 0.66 22.60 -2.78
CA GLU A 151 1.08 23.92 -2.32
C GLU A 151 0.38 25.04 -3.08
N ARG A 152 0.16 24.83 -4.37
CA ARG A 152 -0.48 25.83 -5.22
C ARG A 152 -1.91 26.10 -4.78
N TYR A 153 -2.70 25.04 -4.63
CA TYR A 153 -4.11 25.16 -4.28
C TYR A 153 -4.36 25.13 -2.78
N GLY A 154 -3.31 24.78 -2.02
CA GLY A 154 -3.42 24.75 -0.57
C GLY A 154 -4.18 23.53 -0.08
N ILE A 155 -3.84 22.37 -0.65
CA ILE A 155 -4.50 21.11 -0.31
C ILE A 155 -3.48 20.12 0.27
N PRO A 156 -3.71 19.65 1.51
CA PRO A 156 -2.80 18.66 2.09
C PRO A 156 -2.69 17.37 1.26
N VAL A 157 -1.52 16.76 1.27
CA VAL A 157 -1.28 15.52 0.54
C VAL A 157 -0.93 14.39 1.52
N ILE A 158 -1.75 13.34 1.52
CA ILE A 158 -1.53 12.16 2.35
C ILE A 158 -1.17 10.98 1.46
N GLU A 159 0.08 10.54 1.54
CA GLU A 159 0.58 9.49 0.67
C GLU A 159 0.23 8.09 1.18
N ASP A 160 -0.34 7.29 0.30
CA ASP A 160 -0.63 5.89 0.59
C ASP A 160 0.59 5.04 0.24
N ALA A 161 1.40 4.75 1.25
CA ALA A 161 2.64 4.00 1.07
C ALA A 161 2.52 2.57 1.61
N ALA A 162 1.32 2.01 1.49
CA ALA A 162 1.06 0.66 1.98
C ALA A 162 1.90 -0.39 1.25
N HIS A 163 2.30 -0.04 0.02
CA HIS A 163 3.12 -0.93 -0.81
C HIS A 163 4.57 -0.48 -0.88
N ALA A 164 4.88 0.64 -0.24
CA ALA A 164 6.11 1.38 -0.55
C ALA A 164 7.12 1.47 0.61
N THR A 165 7.20 0.44 1.43
CA THR A 165 8.25 0.41 2.45
C THR A 165 9.57 0.06 1.78
N GLY A 166 10.48 1.04 1.74
CA GLY A 166 11.77 0.86 1.10
C GLY A 166 11.83 1.53 -0.26
N THR A 167 10.68 2.01 -0.74
CA THR A 167 10.61 2.70 -2.02
C THR A 167 11.33 4.05 -1.94
N SER A 168 11.96 4.43 -3.04
CA SER A 168 12.62 5.72 -3.14
C SER A 168 12.16 6.43 -4.42
N TYR A 169 12.06 7.76 -4.33
CA TYR A 169 11.62 8.59 -5.45
C TYR A 169 12.63 9.72 -5.67
N LYS A 170 13.33 9.66 -6.80
CA LYS A 170 14.34 10.66 -7.13
C LYS A 170 15.34 10.86 -6.00
N GLY A 171 15.96 9.76 -5.56
CA GLY A 171 17.06 9.82 -4.62
C GLY A 171 16.67 9.87 -3.15
N ARG A 172 15.39 10.09 -2.86
CA ARG A 172 14.93 10.19 -1.48
C ARG A 172 13.88 9.11 -1.17
N HIS A 173 13.88 8.67 0.08
CA HIS A 173 12.93 7.65 0.54
C HIS A 173 11.49 8.16 0.50
N ILE A 174 10.56 7.26 0.20
CA ILE A 174 9.16 7.56 0.41
C ILE A 174 8.94 7.74 1.91
N GLY A 175 8.26 8.83 2.28
CA GLY A 175 8.05 9.17 3.68
C GLY A 175 9.05 10.19 4.17
N ALA A 176 10.05 10.50 3.35
CA ALA A 176 11.09 11.45 3.73
C ALA A 176 10.52 12.84 3.98
N ARG A 177 9.47 13.18 3.23
CA ARG A 177 8.83 14.49 3.32
C ARG A 177 7.32 14.35 3.33
N GLY A 178 6.63 15.37 3.86
CA GLY A 178 5.19 15.38 3.89
C GLY A 178 4.64 14.33 4.83
N THR A 179 3.60 13.63 4.39
CA THR A 179 2.97 12.58 5.19
C THR A 179 2.77 11.31 4.37
N ALA A 180 3.20 10.18 4.93
CA ALA A 180 3.06 8.88 4.28
C ALA A 180 2.64 7.82 5.30
N ILE A 181 1.79 6.90 4.85
CA ILE A 181 1.26 5.84 5.71
C ILE A 181 1.68 4.48 5.20
N PHE A 182 2.47 3.78 6.01
CA PHE A 182 2.97 2.45 5.64
C PHE A 182 2.13 1.36 6.30
N SER A 183 2.21 0.15 5.74
CA SER A 183 1.42 -0.98 6.21
C SER A 183 2.29 -2.15 6.63
N PHE A 184 1.93 -2.78 7.75
CA PHE A 184 2.63 -3.96 8.23
C PHE A 184 1.74 -5.19 8.09
N HIS A 185 0.88 -5.17 7.07
CA HIS A 185 -0.03 -6.29 6.83
C HIS A 185 0.77 -7.56 6.49
N ALA A 186 0.12 -8.71 6.64
CA ALA A 186 0.76 -10.02 6.45
C ALA A 186 1.59 -10.12 5.17
N ILE A 187 1.10 -9.57 4.05
CA ILE A 187 1.78 -9.71 2.77
C ILE A 187 2.65 -8.50 2.42
N ALA A 188 2.72 -7.54 3.32
CA ALA A 188 3.55 -6.35 3.08
C ALA A 188 5.03 -6.72 3.13
N ASN A 189 5.89 -5.82 2.65
CA ASN A 189 7.33 -6.06 2.61
C ASN A 189 7.88 -6.42 4.00
N ILE A 190 7.48 -5.65 5.00
CA ILE A 190 7.70 -6.01 6.39
C ILE A 190 6.34 -6.13 7.07
N THR A 191 6.22 -7.01 8.06
CA THR A 191 4.92 -7.30 8.65
C THR A 191 4.99 -7.64 10.13
N CYS A 192 3.88 -7.38 10.82
CA CYS A 192 3.63 -7.93 12.14
C CYS A 192 2.18 -8.38 12.20
N ALA A 193 1.79 -9.11 11.16
CA ALA A 193 0.41 -9.56 10.93
C ALA A 193 -0.51 -8.39 10.58
N GLU A 194 -0.81 -7.54 11.55
CA GLU A 194 -1.54 -6.29 11.30
C GLU A 194 -0.84 -5.15 11.98
N GLY A 195 -0.65 -4.07 11.25
CA GLY A 195 -0.02 -2.88 11.79
C GLY A 195 0.18 -1.84 10.71
N GLY A 196 0.53 -0.64 11.15
CA GLY A 196 0.81 0.45 10.24
C GLY A 196 1.55 1.53 10.97
N ILE A 197 1.95 2.57 10.25
CA ILE A 197 2.65 3.69 10.85
C ILE A 197 2.48 4.92 9.96
N VAL A 198 2.17 6.05 10.61
CA VAL A 198 2.07 7.34 9.92
C VAL A 198 3.34 8.13 10.18
N VAL A 199 4.03 8.50 9.11
CA VAL A 199 5.24 9.32 9.21
C VAL A 199 4.93 10.71 8.69
N THR A 200 5.27 11.74 9.45
CA THR A 200 4.97 13.12 9.06
C THR A 200 6.05 14.11 9.50
N ASP A 201 6.03 15.30 8.89
CA ASP A 201 6.99 16.35 9.20
C ASP A 201 6.37 17.45 10.06
N ASN A 202 5.08 17.34 10.32
CA ASN A 202 4.35 18.34 11.11
C ASN A 202 4.19 17.88 12.56
N PRO A 203 4.74 18.65 13.52
CA PRO A 203 4.64 18.23 14.93
C PRO A 203 3.23 18.34 15.50
N GLN A 204 2.50 19.38 15.13
CA GLN A 204 1.12 19.56 15.58
C GLN A 204 0.25 18.42 15.06
N PHE A 205 0.43 18.08 13.80
CA PHE A 205 -0.33 17.01 13.15
C PHE A 205 -0.07 15.68 13.86
N ALA A 206 1.19 15.40 14.16
CA ALA A 206 1.57 14.14 14.79
C ALA A 206 0.95 13.98 16.18
N ASP A 207 0.92 15.06 16.94
CA ASP A 207 0.32 15.04 18.27
C ASP A 207 -1.16 14.66 18.20
N LYS A 208 -1.83 15.15 17.17
CA LYS A 208 -3.24 14.86 16.98
C LYS A 208 -3.46 13.37 16.67
N LEU A 209 -2.60 12.83 15.81
CA LEU A 209 -2.64 11.40 15.49
C LEU A 209 -2.43 10.56 16.73
N ARG A 210 -1.40 10.91 17.49
CA ARG A 210 -1.06 10.19 18.72
C ARG A 210 -2.23 10.17 19.69
N SER A 211 -3.01 11.25 19.68
CA SER A 211 -4.16 11.37 20.55
C SER A 211 -5.36 10.58 20.02
N LEU A 212 -5.63 10.71 18.72
CA LEU A 212 -6.80 10.09 18.12
C LEU A 212 -6.69 8.57 18.04
N LYS A 213 -5.47 8.05 18.10
CA LYS A 213 -5.25 6.60 18.06
C LYS A 213 -5.45 5.97 19.43
N PHE A 214 -5.55 6.80 20.47
CA PHE A 214 -5.75 6.29 21.83
C PHE A 214 -6.74 7.15 22.62
N HIS A 215 -8.02 7.03 22.27
CA HIS A 215 -9.12 7.58 23.06
C HIS A 215 -9.13 9.10 23.15
N GLY A 216 -8.20 9.76 22.46
CA GLY A 216 -8.15 11.20 22.47
C GLY A 216 -7.65 11.75 23.79
N LEU A 217 -6.89 10.95 24.52
CA LEU A 217 -6.29 11.38 25.78
C LEU A 217 -5.06 12.24 25.51
N GLY A 218 -4.49 12.80 26.57
CA GLY A 218 -3.26 13.59 26.46
C GLY A 218 -2.04 12.69 26.39
N ALA A 233 -4.36 11.21 32.93
CA ALA A 233 -4.77 12.06 31.82
C ALA A 233 -6.29 12.07 31.68
N GLU A 234 -6.78 12.76 30.66
CA GLU A 234 -8.22 12.87 30.43
C GLU A 234 -8.52 13.10 28.95
N VAL A 235 -9.78 12.89 28.57
CA VAL A 235 -10.21 13.09 27.19
C VAL A 235 -10.30 14.58 26.86
N LEU A 236 -9.48 15.02 25.90
CA LEU A 236 -9.52 16.39 25.41
C LEU A 236 -10.50 16.50 24.26
N ALA A 237 -10.46 15.50 23.38
CA ALA A 237 -11.43 15.37 22.30
C ALA A 237 -11.55 13.90 21.94
N PRO A 238 -12.79 13.36 21.89
CA PRO A 238 -12.97 11.91 21.68
C PRO A 238 -12.16 11.34 20.53
N GLY A 239 -11.52 10.20 20.77
CA GLY A 239 -10.74 9.51 19.77
C GLY A 239 -11.01 8.01 19.79
N TYR A 240 -10.40 7.30 18.85
CA TYR A 240 -10.59 5.85 18.74
C TYR A 240 -9.44 5.09 19.39
N LYS A 241 -9.54 3.75 19.36
CA LYS A 241 -8.49 2.88 19.87
C LYS A 241 -7.80 2.17 18.71
N TYR A 242 -6.61 2.64 18.37
CA TYR A 242 -5.86 2.15 17.22
C TYR A 242 -4.39 1.88 17.57
N ASN A 243 -4.12 1.71 18.86
CA ASN A 243 -2.75 1.53 19.33
C ASN A 243 -2.19 0.17 18.97
N LEU A 244 -0.91 0.15 18.58
CA LEU A 244 -0.21 -1.08 18.21
C LEU A 244 0.48 -1.69 19.43
N PRO A 245 0.23 -2.99 19.70
CA PRO A 245 0.93 -3.61 20.83
C PRO A 245 2.43 -3.76 20.60
N ASP A 246 3.22 -3.77 21.67
CA ASP A 246 4.66 -3.99 21.57
C ASP A 246 4.95 -5.38 21.07
N LEU A 247 4.03 -6.30 21.34
CA LEU A 247 4.12 -7.67 20.85
C LEU A 247 4.35 -7.68 19.35
N ASN A 248 3.51 -6.93 18.64
CA ASN A 248 3.58 -6.86 17.18
C ASN A 248 4.65 -5.90 16.71
N ALA A 249 4.83 -4.80 17.43
CA ALA A 249 5.84 -3.80 17.08
C ALA A 249 7.23 -4.42 17.04
N ALA A 250 7.49 -5.32 17.97
CA ALA A 250 8.80 -5.98 18.05
C ALA A 250 9.05 -6.83 16.81
N ILE A 251 7.98 -7.45 16.30
CA ILE A 251 8.08 -8.23 15.07
C ILE A 251 8.37 -7.33 13.88
N ALA A 252 7.67 -6.19 13.83
CA ALA A 252 7.88 -5.21 12.76
C ALA A 252 9.31 -4.68 12.79
N LEU A 253 9.88 -4.57 13.98
CA LEU A 253 11.25 -4.10 14.14
C LEU A 253 12.24 -5.13 13.61
N ALA A 254 12.01 -6.40 13.92
CA ALA A 254 12.87 -7.47 13.43
C ALA A 254 12.84 -7.52 11.91
N GLN A 255 11.67 -7.27 11.35
CA GLN A 255 11.50 -7.26 9.90
C GLN A 255 12.20 -6.07 9.28
N LEU A 256 12.08 -4.92 9.94
CA LEU A 256 12.66 -3.67 9.44
C LEU A 256 14.18 -3.79 9.30
N GLN A 257 14.79 -4.61 10.15
CA GLN A 257 16.23 -4.82 10.09
C GLN A 257 16.61 -5.63 8.85
N LYS A 258 15.67 -6.45 8.36
CA LYS A 258 15.91 -7.29 7.20
C LYS A 258 15.44 -6.63 5.89
N LEU A 259 14.94 -5.40 6.00
CA LEU A 259 14.24 -4.75 4.88
C LEU A 259 15.01 -4.80 3.56
N ASP A 260 16.24 -4.29 3.56
CA ASP A 260 17.04 -4.25 2.33
C ASP A 260 17.26 -5.64 1.77
N ALA A 261 17.52 -6.60 2.65
CA ALA A 261 17.69 -7.99 2.23
C ALA A 261 16.39 -8.55 1.67
N LEU A 262 15.29 -8.28 2.35
CA LEU A 262 13.98 -8.80 1.94
C LEU A 262 13.55 -8.24 0.58
N ASN A 263 13.76 -6.94 0.39
CA ASN A 263 13.39 -6.30 -0.87
C ASN A 263 14.32 -6.70 -2.01
N ALA A 264 15.57 -6.99 -1.67
CA ALA A 264 16.53 -7.44 -2.67
C ALA A 264 16.08 -8.76 -3.28
N ARG A 265 15.56 -9.64 -2.45
CA ARG A 265 15.04 -10.92 -2.94
C ARG A 265 13.85 -10.69 -3.87
N ARG A 266 12.94 -9.82 -3.44
CA ARG A 266 11.78 -9.46 -4.25
C ARG A 266 12.22 -8.87 -5.59
N ALA A 267 13.22 -7.99 -5.54
CA ALA A 267 13.73 -7.34 -6.74
C ALA A 267 14.36 -8.36 -7.68
N ALA A 268 15.14 -9.28 -7.11
CA ALA A 268 15.82 -10.31 -7.89
C ALA A 268 14.80 -11.17 -8.63
N ILE A 269 13.72 -11.52 -7.93
CA ILE A 269 12.66 -12.33 -8.53
C ILE A 269 11.91 -11.56 -9.60
N ALA A 270 11.71 -10.26 -9.35
CA ALA A 270 11.03 -9.40 -10.31
C ALA A 270 11.82 -9.32 -11.61
N ALA A 271 13.14 -9.39 -11.51
CA ALA A 271 14.00 -9.38 -12.68
C ALA A 271 13.79 -10.64 -13.50
N GLN A 272 13.69 -11.78 -12.81
CA GLN A 272 13.46 -13.06 -13.48
C GLN A 272 12.11 -13.07 -14.19
N TYR A 273 11.11 -12.44 -13.57
CA TYR A 273 9.81 -12.32 -14.21
C TYR A 273 9.90 -11.49 -15.48
N HIS A 274 10.66 -10.40 -15.44
CA HIS A 274 10.82 -9.51 -16.58
C HIS A 274 11.35 -10.26 -17.80
N GLN A 275 12.30 -11.18 -17.56
CA GLN A 275 12.88 -11.97 -18.63
C GLN A 275 11.86 -12.91 -19.24
N ALA A 276 11.20 -13.69 -18.40
CA ALA A 276 10.24 -14.70 -18.86
C ALA A 276 9.05 -14.07 -19.58
N MET A 277 8.74 -12.83 -19.22
CA MET A 277 7.57 -12.15 -19.79
C MET A 277 7.82 -11.67 -21.21
N ALA A 278 9.09 -11.55 -21.59
CA ALA A 278 9.44 -11.16 -22.95
C ALA A 278 8.95 -12.21 -23.95
N ASP A 279 8.93 -13.46 -23.50
CA ASP A 279 8.44 -14.58 -24.31
C ASP A 279 7.06 -15.03 -23.82
N LEU A 280 6.25 -14.07 -23.36
CA LEU A 280 4.88 -14.35 -22.94
C LEU A 280 3.95 -13.22 -23.36
N PRO A 281 2.69 -13.55 -23.66
CA PRO A 281 1.72 -12.55 -24.16
C PRO A 281 1.24 -11.58 -23.09
N PHE A 282 1.55 -11.87 -21.83
CA PHE A 282 1.09 -11.07 -20.71
C PHE A 282 1.90 -9.79 -20.57
N GLN A 283 1.22 -8.72 -20.14
CA GLN A 283 1.84 -7.40 -20.04
C GLN A 283 2.07 -6.98 -18.59
N PRO A 284 3.33 -7.01 -18.13
CA PRO A 284 3.61 -6.43 -16.82
C PRO A 284 3.34 -4.93 -16.80
N LEU A 285 3.22 -4.35 -15.60
CA LEU A 285 3.07 -2.91 -15.49
C LEU A 285 4.32 -2.22 -16.00
N SER A 286 4.17 -1.00 -16.50
CA SER A 286 5.31 -0.21 -16.92
C SER A 286 5.91 0.49 -15.72
N LEU A 287 7.23 0.66 -15.73
CA LEU A 287 7.91 1.38 -14.66
C LEU A 287 7.67 2.87 -14.81
N PRO A 288 7.69 3.63 -13.70
CA PRO A 288 7.61 5.08 -13.83
C PRO A 288 8.79 5.64 -14.61
N SER A 289 8.58 6.75 -15.31
CA SER A 289 9.62 7.33 -16.15
C SER A 289 10.70 8.05 -15.34
N TRP A 290 10.41 8.34 -14.08
CA TRP A 290 11.32 9.10 -13.24
C TRP A 290 12.24 8.21 -12.41
N GLU A 291 13.30 8.80 -11.85
CA GLU A 291 14.23 8.07 -11.00
C GLU A 291 13.50 7.49 -9.79
N HIS A 292 13.81 6.24 -9.46
CA HIS A 292 13.11 5.56 -8.37
C HIS A 292 13.81 4.27 -7.96
N ILE A 293 13.41 3.75 -6.80
CA ILE A 293 13.78 2.40 -6.37
C ILE A 293 12.51 1.63 -6.06
N HIS A 294 12.35 0.49 -6.75
CA HIS A 294 11.15 -0.31 -6.67
C HIS A 294 11.19 -1.26 -5.46
N ALA A 295 10.24 -1.12 -4.56
CA ALA A 295 10.16 -1.98 -3.38
C ALA A 295 9.65 -3.37 -3.75
N TRP A 296 8.94 -3.44 -4.86
CA TRP A 296 8.45 -4.70 -5.42
C TRP A 296 7.58 -5.45 -4.41
N HIS A 297 6.50 -4.80 -3.99
CA HIS A 297 5.51 -5.44 -3.13
C HIS A 297 4.69 -6.44 -3.94
N LEU A 298 4.44 -6.11 -5.20
CA LEU A 298 3.65 -6.94 -6.10
C LEU A 298 4.28 -6.99 -7.48
N PHE A 299 4.01 -8.07 -8.21
CA PHE A 299 4.31 -8.14 -9.64
C PHE A 299 3.01 -8.39 -10.39
N ILE A 300 2.42 -7.31 -10.89
CA ILE A 300 1.12 -7.37 -11.56
C ILE A 300 1.29 -7.50 -13.08
N ILE A 301 0.49 -8.38 -13.67
CA ILE A 301 0.44 -8.53 -15.12
C ILE A 301 -0.98 -8.27 -15.63
N ARG A 302 -1.08 -7.76 -16.85
CA ARG A 302 -2.37 -7.60 -17.50
C ARG A 302 -2.65 -8.81 -18.39
N VAL A 303 -3.88 -9.31 -18.33
CA VAL A 303 -4.30 -10.46 -19.13
C VAL A 303 -5.42 -10.06 -20.08
N ASP A 304 -5.02 -9.55 -21.25
CA ASP A 304 -5.97 -9.16 -22.27
C ASP A 304 -6.37 -10.37 -23.10
N GLU A 305 -7.66 -10.69 -23.09
CA GLU A 305 -8.18 -11.86 -23.81
C GLU A 305 -7.80 -11.86 -25.28
N ALA A 306 -7.60 -10.66 -25.84
CA ALA A 306 -7.28 -10.52 -27.25
C ALA A 306 -5.93 -11.14 -27.60
N ARG A 307 -4.90 -10.79 -26.84
CA ARG A 307 -3.53 -11.19 -27.16
C ARG A 307 -3.04 -12.35 -26.30
N CYS A 308 -3.84 -12.79 -25.33
CA CYS A 308 -3.45 -13.86 -24.41
C CYS A 308 -4.17 -15.17 -24.73
N GLY A 309 -5.39 -15.06 -25.25
CA GLY A 309 -6.18 -16.23 -25.59
C GLY A 309 -7.08 -16.67 -24.46
N ILE A 310 -6.87 -16.11 -23.27
CA ILE A 310 -7.70 -16.41 -22.11
C ILE A 310 -7.96 -15.17 -21.28
N THR A 311 -9.05 -15.19 -20.52
CA THR A 311 -9.38 -14.08 -19.63
C THR A 311 -8.59 -14.17 -18.33
N ARG A 312 -8.49 -13.05 -17.62
CA ARG A 312 -7.78 -13.01 -16.36
C ARG A 312 -8.40 -13.96 -15.34
N ASP A 313 -9.73 -13.96 -15.30
CA ASP A 313 -10.45 -14.87 -14.40
C ASP A 313 -10.12 -16.33 -14.72
N ALA A 314 -10.05 -16.64 -16.01
CA ALA A 314 -9.74 -18.00 -16.45
C ALA A 314 -8.32 -18.38 -16.07
N LEU A 315 -7.40 -17.44 -16.24
CA LEU A 315 -6.00 -17.66 -15.91
C LEU A 315 -5.83 -17.95 -14.42
N MET A 316 -6.45 -17.15 -13.58
CA MET A 316 -6.37 -17.34 -12.14
C MET A 316 -6.95 -18.70 -11.71
N ALA A 317 -8.04 -19.11 -12.37
CA ALA A 317 -8.68 -20.39 -12.06
C ALA A 317 -7.81 -21.55 -12.53
N SER A 318 -7.13 -21.37 -13.65
CA SER A 318 -6.26 -22.39 -14.20
C SER A 318 -4.98 -22.54 -13.37
N LEU A 319 -4.38 -21.41 -12.99
CA LEU A 319 -3.20 -21.41 -12.15
C LEU A 319 -3.49 -22.09 -10.81
N LYS A 320 -4.71 -21.89 -10.31
CA LYS A 320 -5.13 -22.49 -9.05
C LYS A 320 -5.21 -24.00 -9.18
N THR A 321 -5.72 -24.46 -10.32
CA THR A 321 -5.79 -25.89 -10.61
C THR A 321 -4.39 -26.48 -10.60
N LYS A 322 -3.42 -25.68 -11.04
CA LYS A 322 -2.02 -26.09 -11.08
C LYS A 322 -1.35 -25.88 -9.72
N GLY A 323 -2.15 -25.56 -8.70
CA GLY A 323 -1.64 -25.40 -7.35
C GLY A 323 -0.82 -24.13 -7.18
N ILE A 324 -1.18 -23.09 -7.92
CA ILE A 324 -0.49 -21.81 -7.86
C ILE A 324 -1.46 -20.69 -7.55
N GLY A 325 -1.24 -20.00 -6.43
CA GLY A 325 -2.10 -18.93 -6.00
C GLY A 325 -1.76 -17.62 -6.70
N THR A 326 -2.76 -16.76 -6.81
CA THR A 326 -2.58 -15.43 -7.40
C THR A 326 -3.43 -14.41 -6.66
N GLY A 327 -3.12 -13.13 -6.88
CA GLY A 327 -3.83 -12.05 -6.25
C GLY A 327 -4.55 -11.15 -7.24
N LEU A 328 -5.42 -10.29 -6.71
CA LEU A 328 -6.15 -9.32 -7.50
C LEU A 328 -6.08 -7.97 -6.80
N HIS A 329 -5.15 -7.13 -7.25
CA HIS A 329 -4.88 -5.85 -6.60
C HIS A 329 -4.97 -4.68 -7.57
N PHE A 330 -6.16 -4.11 -7.77
CA PHE A 330 -7.42 -4.54 -7.16
C PHE A 330 -8.52 -4.41 -8.20
N ARG A 331 -9.71 -4.92 -7.89
CA ARG A 331 -10.86 -4.55 -8.68
C ARG A 331 -11.28 -3.17 -8.20
N ALA A 332 -11.36 -2.24 -9.14
CA ALA A 332 -11.60 -0.83 -8.82
C ALA A 332 -12.73 -0.65 -7.81
N ALA A 333 -12.53 0.29 -6.89
CA ALA A 333 -13.48 0.52 -5.82
C ALA A 333 -14.85 0.95 -6.36
N HIS A 334 -14.84 1.68 -7.47
CA HIS A 334 -16.07 2.25 -8.00
C HIS A 334 -16.90 1.22 -8.76
N THR A 335 -16.36 0.01 -8.92
CA THR A 335 -17.10 -1.09 -9.52
C THR A 335 -17.67 -2.04 -8.46
N GLN A 336 -17.43 -1.71 -7.20
CA GLN A 336 -17.97 -2.50 -6.09
C GLN A 336 -19.31 -1.92 -5.65
N LYS A 337 -20.18 -2.78 -5.12
CA LYS A 337 -21.60 -2.48 -4.94
C LYS A 337 -21.93 -1.09 -4.40
N TYR A 338 -21.40 -0.75 -3.22
CA TYR A 338 -21.78 0.50 -2.57
C TYR A 338 -21.46 1.71 -3.44
N TYR A 339 -20.31 1.68 -4.11
CA TYR A 339 -19.85 2.83 -4.89
C TYR A 339 -20.45 2.83 -6.29
N ARG A 340 -20.89 1.67 -6.77
CA ARG A 340 -21.63 1.59 -8.02
C ARG A 340 -22.93 2.37 -7.88
N GLU A 341 -23.58 2.22 -6.73
CA GLU A 341 -24.89 2.81 -6.50
C GLU A 341 -24.81 4.28 -6.09
N ARG A 342 -23.68 4.67 -5.49
CA ARG A 342 -23.50 6.04 -5.06
C ARG A 342 -23.00 6.93 -6.19
N PHE A 343 -22.21 6.36 -7.10
CA PHE A 343 -21.71 7.08 -8.27
C PHE A 343 -22.04 6.33 -9.56
N PRO A 344 -23.33 6.33 -9.97
CA PRO A 344 -23.72 5.59 -11.17
C PRO A 344 -23.05 6.10 -12.45
N THR A 345 -22.85 7.41 -12.55
CA THR A 345 -22.33 8.03 -13.77
C THR A 345 -20.82 7.90 -13.90
N LEU A 346 -20.15 7.60 -12.80
CA LEU A 346 -18.70 7.62 -12.76
C LEU A 346 -18.08 6.61 -13.73
N THR A 347 -17.29 7.14 -14.67
CA THR A 347 -16.55 6.31 -15.62
C THR A 347 -15.06 6.61 -15.55
N LEU A 348 -14.26 5.55 -15.45
CA LEU A 348 -12.80 5.66 -15.39
C LEU A 348 -12.19 4.60 -16.30
N PRO A 349 -12.06 4.90 -17.60
CA PRO A 349 -11.73 3.87 -18.60
C PRO A 349 -10.43 3.11 -18.34
N ASP A 350 -9.34 3.83 -18.08
CA ASP A 350 -8.05 3.19 -17.84
C ASP A 350 -8.12 2.33 -16.59
N THR A 351 -8.78 2.85 -15.55
CA THR A 351 -8.99 2.09 -14.32
C THR A 351 -9.79 0.82 -14.62
N GLU A 352 -10.90 0.99 -15.35
CA GLU A 352 -11.78 -0.13 -15.66
C GLU A 352 -11.11 -1.15 -16.57
N TRP A 353 -10.31 -0.67 -17.52
CA TRP A 353 -9.62 -1.55 -18.45
C TRP A 353 -8.67 -2.48 -17.70
N ASN A 354 -7.82 -1.90 -16.87
CA ASN A 354 -6.87 -2.68 -16.08
C ASN A 354 -7.59 -3.56 -15.05
N SER A 355 -8.56 -2.96 -14.35
CA SER A 355 -9.28 -3.67 -13.30
C SER A 355 -9.85 -5.01 -13.77
N GLU A 356 -10.15 -5.09 -15.06
CA GLU A 356 -10.70 -6.32 -15.64
C GLU A 356 -9.63 -7.30 -16.09
N ARG A 357 -8.38 -6.85 -16.10
CA ARG A 357 -7.29 -7.61 -16.73
C ARG A 357 -6.09 -7.88 -15.83
N ILE A 358 -6.01 -7.21 -14.68
CA ILE A 358 -4.84 -7.33 -13.82
C ILE A 358 -4.96 -8.48 -12.81
N CYS A 359 -3.81 -9.06 -12.48
CA CYS A 359 -3.71 -10.03 -11.40
C CYS A 359 -2.27 -10.07 -10.92
N SER A 360 -2.06 -10.50 -9.67
CA SER A 360 -0.74 -10.51 -9.07
C SER A 360 -0.16 -11.92 -9.01
N LEU A 361 1.03 -12.08 -9.61
CA LEU A 361 1.72 -13.37 -9.60
C LEU A 361 2.53 -13.53 -8.31
N PRO A 362 2.90 -14.78 -7.98
CA PRO A 362 3.69 -15.03 -6.77
C PRO A 362 4.95 -14.18 -6.66
N LEU A 363 5.16 -13.63 -5.47
CA LEU A 363 6.33 -12.79 -5.20
C LEU A 363 6.48 -12.59 -3.70
N PHE A 364 7.42 -13.32 -3.11
CA PHE A 364 7.72 -13.17 -1.70
C PHE A 364 9.17 -13.59 -1.43
N PRO A 365 9.79 -13.00 -0.39
CA PRO A 365 11.23 -13.19 -0.14
C PRO A 365 11.68 -14.65 -0.08
N ASP A 366 10.84 -15.53 0.44
CA ASP A 366 11.23 -16.93 0.62
C ASP A 366 10.93 -17.79 -0.59
N MET A 367 10.45 -17.18 -1.67
CA MET A 367 10.12 -17.93 -2.88
C MET A 367 11.38 -18.48 -3.53
N THR A 368 11.34 -19.75 -3.92
CA THR A 368 12.50 -20.43 -4.48
C THR A 368 12.49 -20.42 -6.00
N GLU A 369 13.58 -20.90 -6.60
CA GLU A 369 13.66 -21.07 -8.04
C GLU A 369 12.70 -22.16 -8.48
N SER A 370 12.53 -23.17 -7.63
CA SER A 370 11.56 -24.22 -7.87
C SER A 370 10.17 -23.61 -7.99
N ASP A 371 9.87 -22.66 -7.11
CA ASP A 371 8.58 -21.98 -7.13
C ASP A 371 8.43 -21.09 -8.35
N PHE A 372 9.47 -20.33 -8.66
CA PHE A 372 9.46 -19.42 -9.79
C PHE A 372 9.24 -20.16 -11.11
N ASP A 373 10.07 -21.17 -11.35
CA ASP A 373 10.00 -21.93 -12.59
C ASP A 373 8.66 -22.64 -12.73
N ARG A 374 8.05 -22.97 -11.59
CA ARG A 374 6.76 -23.62 -11.57
C ARG A 374 5.67 -22.70 -12.09
N VAL A 375 5.82 -21.41 -11.84
CA VAL A 375 4.87 -20.41 -12.33
C VAL A 375 5.00 -20.23 -13.84
N ILE A 376 6.21 -20.01 -14.30
CA ILE A 376 6.46 -19.76 -15.73
C ILE A 376 6.05 -20.98 -16.56
N THR A 377 6.33 -22.17 -16.04
CA THR A 377 5.93 -23.40 -16.72
C THR A 377 4.41 -23.46 -16.85
N ALA A 378 3.72 -22.99 -15.81
CA ALA A 378 2.26 -22.97 -15.81
C ALA A 378 1.74 -21.93 -16.80
N LEU A 379 2.42 -20.79 -16.88
CA LEU A 379 1.99 -19.71 -17.76
C LEU A 379 2.11 -20.08 -19.24
N HIS A 380 3.19 -20.76 -19.59
CA HIS A 380 3.39 -21.19 -20.97
C HIS A 380 2.39 -22.27 -21.34
N GLN A 381 2.02 -23.09 -20.36
CA GLN A 381 1.09 -24.20 -20.58
C GLN A 381 -0.32 -23.70 -20.90
N ILE A 382 -0.70 -22.57 -20.29
CA ILE A 382 -2.04 -22.02 -20.49
C ILE A 382 -2.09 -21.11 -21.71
N ALA A 383 -0.93 -20.56 -22.09
CA ALA A 383 -0.83 -19.72 -23.28
C ALA A 383 -0.69 -20.59 -24.52
N GLY A 384 -0.52 -19.94 -25.67
CA GLY A 384 -0.36 -20.63 -26.94
C GLY A 384 -1.60 -20.51 -27.81
O01 2QR B . -1.48 -16.55 0.36
C02 2QR B . -2.06 -15.92 1.45
C03 2QR B . -3.32 -15.35 1.06
O04 2QR B . -3.90 -16.13 0.04
C05 2QR B . -2.93 -14.04 0.55
C06 2QR B . -4.00 -12.99 0.73
O07 2QR B . -3.70 -11.77 0.06
P08 2QR B . -4.88 -10.80 -0.41
O09 2QR B . -5.57 -11.42 -1.60
O10 2QR B . -5.91 -10.67 0.81
P11 2QR B . -5.81 -9.64 1.95
O12 2QR B . -7.21 -9.39 2.48
O13 2QR B . -5.15 -8.33 1.51
C14 2QR B . -5.86 -7.22 1.30
C15 2QR B . -5.31 -6.50 0.11
O16 2QR B . -5.47 -7.28 -1.05
O17 2QR B . -5.76 -6.36 2.48
C18 2QR B . -4.42 -5.85 2.72
C19 2QR B . -3.68 -5.40 1.49
C20 2QR B . -3.90 -6.23 0.30
O21 2QR B . -3.39 -5.54 -0.84
N22 2QR B . -4.13 -4.05 1.19
C23 2QR B . -3.53 -3.11 1.87
C24 2QR B . -3.69 -1.63 1.56
C25 2QR B . -3.33 -1.18 0.31
O26 2QR B . -2.88 -2.07 -0.61
C27 2QR B . -3.46 0.17 0.02
C28 2QR B . -3.08 0.63 -1.33
N29 2QR B . -3.93 1.02 0.98
C30 2QR B . -4.28 0.60 2.23
C31 2QR B . -4.16 -0.73 2.53
C32 2QR B . -4.54 -1.27 3.92
O33 2QR B . -3.48 -1.35 4.82
P34 2QR B . -3.72 -2.24 6.08
O35 2QR B . -4.12 -3.58 5.61
O36 2QR B . -2.41 -2.32 6.88
O37 2QR B . -4.84 -1.59 6.94
O38 2QR B . -4.98 -10.24 3.04
O39 2QR B . -4.29 -9.42 -0.86
O40 2QR B . -1.76 -13.65 1.26
C41 2QR B . -1.21 -14.78 1.89
N42 2QR B . -1.23 -14.68 3.30
C43 2QR B . -2.27 -13.86 3.93
C44 2QR B . -2.30 -13.74 5.41
C45 2QR B . -0.22 -15.41 4.09
N46 2QR B . -0.30 -15.27 5.55
C47 2QR B . -1.29 -14.46 6.24
O48 2QR B . -1.32 -14.37 7.49
O49 2QR B . 0.67 -16.12 3.58
H011 2QR B . -0.61 -16.69 0.53
H021 2QR B . -2.20 -16.56 2.19
H031 2QR B . -3.93 -15.26 1.84
H041 2QR B . -4.79 -16.01 0.05
H051 2QR B . -2.72 -14.12 -0.41
H061 2QR B . -4.10 -12.82 1.69
H062 2QR B . -4.84 -13.36 0.39
H141 2QR B . -6.80 -7.46 1.14
H151 2QR B . -5.79 -5.65 -0.01
H161 2QR B . -6.34 -7.45 -1.18
H182 2QR B . -4.48 -5.10 3.34
H181 2QR B . -3.89 -6.58 3.16
H191 2QR B . -2.72 -5.27 1.67
H201 2QR B . -3.40 -7.08 0.40
H211 2QR B . -2.83 -6.07 -1.28
H231 2QR B . -2.71 -3.38 2.35
H261 2QR B . -3.49 -2.71 -0.74
H282 2QR B . -3.11 1.61 -1.35
H281 2QR B . -3.71 0.27 -1.99
H283 2QR B . -2.17 0.31 -1.55
H301 2QR B . -4.62 1.24 2.90
H322 2QR B . -5.26 -0.72 4.29
H321 2QR B . -4.88 -2.18 3.79
H411 2QR B . -0.29 -14.93 1.58
H431 2QR B . -2.92 -13.40 3.37
H441 2QR B . -2.99 -13.19 5.84
H461 2QR B . 0.32 -15.70 6.07
#